data_5JKA
#
_entry.id   5JKA
#
_cell.length_a   51.920
_cell.length_b   81.038
_cell.length_c   235.084
_cell.angle_alpha   90.00
_cell.angle_beta   90.00
_cell.angle_gamma   90.00
#
_symmetry.space_group_name_H-M   'I 21 21 21'
#
loop_
_entity.id
_entity.type
_entity.pdbx_description
1 polymer 'Sperm-egg fusion protein Juno'
2 branched alpha-D-mannopyranose-(1-3)-beta-D-mannopyranose-(1-4)-2-acetamido-2-deoxy-beta-D-glucopyranose-(1-4)-2-acetamido-2-deoxy-beta-D-glucopyranose
3 non-polymer 'CHLORIDE ION'
4 water water
#
_entity_poly.entity_id   1
_entity_poly.type   'polypeptide(L)'
_entity_poly.pdbx_seq_one_letter_code
;RSPWGDELLNICMNAKHHKRVPSPEDKLYEECIPWKDNACCTLTTSWEAHLDVSPLYNFSLFHCGLLMPGCRKHFIQAIC
FYECSPNLGPWIQPVGSLGWEVAPSGQGERVVNVPLCQEDCEEWWEDCRMSYTCKSNWRGGWDWSQGKNRCPKGAQCLPF
SHYFPTPADLCEKTWSNSFKASPERRNSGRCLQKWFEPAQGNPNVAVARLFASEFLEVLFQ
;
_entity_poly.pdbx_strand_id   B,A
#
# COMPACT_ATOMS: atom_id res chain seq x y z
N GLY A 5 10.56 37.31 10.18
CA GLY A 5 9.25 36.91 10.77
C GLY A 5 8.26 36.53 9.67
N ASP A 6 7.61 37.55 9.11
CA ASP A 6 6.68 37.35 7.99
C ASP A 6 7.36 36.80 6.77
N GLU A 7 8.67 37.05 6.65
CA GLU A 7 9.49 36.47 5.58
C GLU A 7 9.47 34.94 5.54
N LEU A 8 9.22 34.31 6.69
CA LEU A 8 9.25 32.86 6.82
C LEU A 8 7.90 32.21 6.61
N LEU A 9 6.84 32.99 6.43
CA LEU A 9 5.51 32.41 6.36
C LEU A 9 5.01 32.36 4.95
N ASN A 10 4.33 31.27 4.61
CA ASN A 10 3.69 31.14 3.32
C ASN A 10 4.68 31.26 2.18
N ILE A 11 5.74 30.46 2.24
CA ILE A 11 6.76 30.44 1.21
C ILE A 11 7.05 28.98 0.85
N CYS A 12 7.68 28.78 -0.29
CA CYS A 12 8.11 27.47 -0.75
C CYS A 12 9.61 27.48 -0.78
N MET A 13 10.21 26.41 -0.28
CA MET A 13 11.65 26.25 -0.41
C MET A 13 12.03 26.19 -1.86
N ASN A 14 13.25 26.63 -2.13
CA ASN A 14 13.84 26.57 -3.46
C ASN A 14 14.50 25.21 -3.70
N ALA A 15 13.68 24.18 -3.94
CA ALA A 15 14.16 22.84 -4.34
C ALA A 15 13.64 22.56 -5.75
N LYS A 16 14.02 21.43 -6.34
CA LYS A 16 13.85 21.35 -7.79
C LYS A 16 12.39 21.33 -8.32
N HIS A 17 11.41 20.87 -7.55
CA HIS A 17 10.02 20.78 -8.06
C HIS A 17 9.11 21.90 -7.56
N HIS A 18 9.46 22.53 -6.45
CA HIS A 18 8.51 23.41 -5.78
C HIS A 18 8.07 24.56 -6.65
N LYS A 19 6.80 24.93 -6.49
CA LYS A 19 6.28 26.15 -7.08
C LYS A 19 7.00 27.34 -6.47
N ARG A 20 7.19 28.38 -7.27
CA ARG A 20 7.86 29.61 -6.86
C ARG A 20 7.19 30.16 -5.61
N VAL A 21 5.88 30.18 -5.64
CA VAL A 21 5.10 30.71 -4.56
C VAL A 21 3.90 29.79 -4.32
N PRO A 22 3.46 29.65 -3.06
CA PRO A 22 2.29 28.80 -2.82
C PRO A 22 1.04 29.38 -3.41
N SER A 23 0.11 28.52 -3.80
CA SER A 23 -1.21 28.97 -4.26
C SER A 23 -2.18 27.81 -4.26
N PRO A 24 -3.49 28.11 -4.16
CA PRO A 24 -4.48 27.03 -4.19
C PRO A 24 -4.36 26.17 -5.44
N GLU A 25 -4.63 24.87 -5.30
CA GLU A 25 -4.62 23.94 -6.43
C GLU A 25 -6.02 23.33 -6.60
N ASP A 26 -6.57 23.51 -7.79
CA ASP A 26 -7.91 23.04 -8.11
C ASP A 26 -7.99 21.55 -7.87
N LYS A 27 -6.89 20.83 -8.17
CA LYS A 27 -6.80 19.40 -7.95
C LYS A 27 -5.41 18.95 -7.50
N LEU A 28 -5.39 18.16 -6.44
CA LEU A 28 -4.19 17.39 -6.07
C LEU A 28 -4.61 15.94 -5.88
N TYR A 29 -3.64 15.07 -6.10
CA TYR A 29 -3.88 13.66 -6.13
C TYR A 29 -3.89 13.05 -4.73
N GLU A 30 -4.98 12.36 -4.44
CA GLU A 30 -5.12 11.48 -3.29
C GLU A 30 -4.50 11.97 -1.96
N GLU A 31 -3.37 11.41 -1.55
CA GLU A 31 -2.74 11.77 -0.29
C GLU A 31 -2.36 13.24 -0.15
N CYS A 32 -2.18 13.96 -1.26
CA CYS A 32 -1.77 15.36 -1.18
C CYS A 32 -2.97 16.32 -1.12
N ILE A 33 -4.17 15.77 -1.13
CA ILE A 33 -5.40 16.59 -1.08
C ILE A 33 -5.43 17.62 0.05
N PRO A 34 -4.94 17.26 1.26
CA PRO A 34 -4.96 18.21 2.35
C PRO A 34 -4.35 19.60 2.08
N TRP A 35 -3.38 19.70 1.18
CA TRP A 35 -2.71 20.96 0.91
C TRP A 35 -3.35 21.80 -0.21
N LYS A 36 -4.46 21.35 -0.79
CA LYS A 36 -4.98 22.00 -1.99
C LYS A 36 -5.50 23.47 -1.81
N ASP A 37 -5.84 23.85 -0.57
CA ASP A 37 -6.16 25.25 -0.24
C ASP A 37 -5.01 26.18 -0.56
N ASN A 38 -3.78 25.70 -0.35
CA ASN A 38 -2.59 26.51 -0.56
C ASN A 38 -1.32 25.65 -0.58
N ALA A 39 -0.78 25.37 -1.77
CA ALA A 39 0.23 24.33 -1.94
C ALA A 39 1.45 24.86 -2.67
N CYS A 40 2.60 24.26 -2.33
CA CYS A 40 3.85 24.44 -3.07
C CYS A 40 4.06 23.37 -4.15
N CYS A 41 3.18 22.38 -4.21
CA CYS A 41 3.23 21.33 -5.24
C CYS A 41 2.18 21.52 -6.34
N THR A 42 2.58 21.21 -7.57
CA THR A 42 1.67 21.13 -8.69
C THR A 42 0.92 19.79 -8.68
N LEU A 43 -0.09 19.71 -9.53
CA LEU A 43 -0.82 18.49 -9.74
C LEU A 43 0.13 17.36 -10.16
N THR A 44 1.00 17.64 -11.13
CA THR A 44 1.93 16.62 -11.63
C THR A 44 2.81 16.11 -10.50
N THR A 45 3.29 17.02 -9.65
CA THR A 45 4.12 16.61 -8.52
C THR A 45 3.32 15.71 -7.57
N SER A 46 2.08 16.06 -7.28
CA SER A 46 1.25 15.25 -6.39
C SER A 46 1.02 13.83 -6.96
N TRP A 47 0.83 13.75 -8.27
CA TRP A 47 0.69 12.48 -8.98
C TRP A 47 1.99 11.65 -8.89
N GLU A 48 3.13 12.27 -9.17
CA GLU A 48 4.42 11.59 -9.17
C GLU A 48 4.81 11.08 -7.79
N ALA A 49 4.31 11.76 -6.76
CA ALA A 49 4.46 11.31 -5.37
C ALA A 49 3.90 9.91 -5.10
N HIS A 50 2.93 9.48 -5.89
CA HIS A 50 2.22 8.22 -5.70
C HIS A 50 2.76 7.06 -6.54
N LEU A 51 3.70 7.32 -7.44
CA LEU A 51 4.19 6.28 -8.37
C LEU A 51 5.02 5.28 -7.58
N ASP A 52 5.11 4.05 -8.06
CA ASP A 52 5.75 2.97 -7.31
C ASP A 52 7.11 3.35 -6.78
N VAL A 53 7.95 3.89 -7.66
CA VAL A 53 9.19 4.52 -7.27
C VAL A 53 9.06 5.94 -7.80
N SER A 54 8.89 6.91 -6.91
CA SER A 54 8.54 8.27 -7.34
C SER A 54 9.69 8.84 -8.19
N PRO A 55 9.38 9.36 -9.40
CA PRO A 55 10.45 10.01 -10.18
C PRO A 55 10.93 11.36 -9.63
N LEU A 56 10.30 11.85 -8.57
CA LEU A 56 10.75 13.05 -7.89
C LEU A 56 12.15 12.92 -7.30
N TYR A 57 12.44 11.72 -6.76
CA TYR A 57 13.75 11.41 -6.15
C TYR A 57 14.45 10.17 -6.70
N ASN A 58 13.70 9.29 -7.36
CA ASN A 58 14.18 7.97 -7.79
C ASN A 58 14.83 7.18 -6.66
N PHE A 59 14.23 7.32 -5.47
CA PHE A 59 14.57 6.48 -4.34
C PHE A 59 13.48 5.41 -4.15
N SER A 60 13.85 4.14 -4.29
CA SER A 60 12.91 3.04 -4.10
C SER A 60 12.78 2.68 -2.64
N LEU A 61 11.55 2.72 -2.18
CA LEU A 61 11.21 2.20 -0.88
C LEU A 61 11.12 0.66 -0.86
N PHE A 62 11.02 0.02 -2.04
CA PHE A 62 10.90 -1.44 -2.17
C PHE A 62 12.25 -2.18 -2.22
N HIS A 63 13.31 -1.54 -1.76
CA HIS A 63 14.67 -2.13 -1.81
C HIS A 63 14.79 -3.48 -1.09
N CYS A 64 13.90 -3.79 -0.15
CA CYS A 64 13.89 -5.14 0.47
C CYS A 64 12.63 -5.94 0.12
N GLY A 65 11.98 -5.63 -1.00
CA GLY A 65 10.80 -6.36 -1.45
C GLY A 65 9.52 -6.19 -0.64
N LEU A 66 9.61 -6.30 0.69
CA LEU A 66 8.45 -6.25 1.58
C LEU A 66 8.20 -4.86 2.17
N LEU A 67 7.31 -4.11 1.55
CA LEU A 67 6.91 -2.83 2.10
C LEU A 67 5.41 -2.84 2.08
N MET A 68 4.79 -2.75 3.25
CA MET A 68 3.34 -2.92 3.34
C MET A 68 2.57 -1.67 2.92
N PRO A 69 1.36 -1.84 2.37
CA PRO A 69 0.54 -0.69 1.98
C PRO A 69 0.38 0.41 3.04
N GLY A 70 0.08 0.03 4.28
CA GLY A 70 -0.02 0.96 5.37
C GLY A 70 1.26 1.73 5.65
N CYS A 71 2.41 1.08 5.47
CA CYS A 71 3.70 1.73 5.58
C CYS A 71 3.92 2.69 4.39
N ARG A 72 3.75 2.19 3.18
CA ARG A 72 3.98 3.06 2.05
C ARG A 72 3.09 4.29 2.09
N LYS A 73 1.85 4.15 2.52
CA LYS A 73 0.99 5.31 2.67
C LYS A 73 1.64 6.48 3.45
N HIS A 74 2.34 6.17 4.55
CA HIS A 74 2.99 7.19 5.37
C HIS A 74 4.08 7.88 4.57
N PHE A 75 4.83 7.10 3.79
CA PHE A 75 5.89 7.66 2.95
C PHE A 75 5.36 8.58 1.84
N ILE A 76 4.25 8.19 1.23
CA ILE A 76 3.64 9.06 0.22
C ILE A 76 3.19 10.36 0.89
N GLN A 77 2.53 10.23 2.03
CA GLN A 77 2.14 11.41 2.79
C GLN A 77 3.34 12.32 3.12
N ALA A 78 4.47 11.73 3.51
CA ALA A 78 5.70 12.48 3.74
C ALA A 78 6.18 13.25 2.52
N ILE A 79 6.08 12.65 1.35
CA ILE A 79 6.40 13.33 0.10
C ILE A 79 5.48 14.53 -0.09
N CYS A 80 4.17 14.32 0.10
CA CYS A 80 3.18 15.40 -0.06
C CYS A 80 3.51 16.56 0.86
N PHE A 81 3.77 16.25 2.12
CA PHE A 81 4.19 17.23 3.10
C PHE A 81 5.43 18.03 2.67
N TYR A 82 6.51 17.34 2.35
CA TYR A 82 7.74 17.97 1.87
C TYR A 82 7.53 18.86 0.65
N GLU A 83 6.78 18.33 -0.32
CA GLU A 83 6.59 19.00 -1.61
C GLU A 83 5.49 20.07 -1.61
N CYS A 84 4.49 19.93 -0.73
CA CYS A 84 3.31 20.81 -0.77
C CYS A 84 3.19 21.85 0.35
N SER A 85 3.83 21.63 1.49
CA SER A 85 3.57 22.47 2.66
C SER A 85 4.06 23.89 2.42
N PRO A 86 3.18 24.89 2.62
CA PRO A 86 3.60 26.28 2.60
C PRO A 86 4.07 26.79 3.99
N ASN A 87 4.25 25.86 4.94
CA ASN A 87 4.50 26.18 6.32
C ASN A 87 5.84 25.68 6.85
N LEU A 88 6.82 25.55 5.95
CA LEU A 88 8.16 25.05 6.34
C LEU A 88 9.23 26.12 6.45
N GLY A 89 8.86 27.37 6.15
CA GLY A 89 9.80 28.48 6.11
C GLY A 89 10.75 28.55 7.28
N PRO A 90 10.22 28.46 8.52
CA PRO A 90 11.12 28.53 9.69
C PRO A 90 12.25 27.49 9.76
N TRP A 91 12.08 26.35 9.10
CA TRP A 91 13.08 25.30 9.12
C TRP A 91 13.84 25.20 7.83
N ILE A 92 13.59 26.12 6.92
CA ILE A 92 14.38 26.20 5.70
C ILE A 92 15.75 26.66 6.13
N GLN A 93 16.74 26.00 5.57
CA GLN A 93 18.08 26.41 5.73
C GLN A 93 18.63 26.25 4.32
N PRO A 94 19.64 27.07 3.96
CA PRO A 94 20.39 26.81 2.73
C PRO A 94 20.84 25.33 2.60
N GLY A 108 18.77 27.92 -3.26
CA GLY A 108 18.86 26.45 -3.18
C GLY A 108 18.67 26.04 -1.74
N GLU A 109 17.57 25.37 -1.43
CA GLU A 109 17.23 25.17 -0.04
C GLU A 109 16.71 23.78 0.24
N ARG A 110 16.70 23.46 1.51
CA ARG A 110 16.15 22.25 1.97
C ARG A 110 15.63 22.61 3.31
N VAL A 111 15.22 21.61 4.08
CA VAL A 111 14.64 21.81 5.36
C VAL A 111 15.45 20.93 6.35
N VAL A 112 15.53 21.39 7.59
CA VAL A 112 16.31 20.66 8.61
C VAL A 112 15.48 20.64 9.89
N ASN A 113 15.28 19.44 10.44
CA ASN A 113 14.68 19.27 11.75
C ASN A 113 13.28 19.87 11.92
N VAL A 114 12.42 19.73 10.93
CA VAL A 114 11.04 20.14 11.12
C VAL A 114 10.49 19.27 12.25
N PRO A 115 9.95 19.90 13.30
CA PRO A 115 9.44 19.13 14.43
C PRO A 115 8.09 18.47 14.14
N LEU A 116 8.12 17.18 13.85
CA LEU A 116 6.91 16.40 13.63
C LEU A 116 6.36 15.96 14.95
N CYS A 117 5.05 16.07 15.10
CA CYS A 117 4.42 15.64 16.32
C CYS A 117 4.65 14.17 16.60
N GLN A 118 4.51 13.87 17.88
CA GLN A 118 4.75 12.54 18.40
C GLN A 118 3.87 11.46 17.72
N GLU A 119 2.59 11.73 17.56
CA GLU A 119 1.67 10.75 16.97
C GLU A 119 2.00 10.49 15.51
N ASP A 120 2.46 11.51 14.79
CA ASP A 120 2.87 11.35 13.41
C ASP A 120 4.02 10.38 13.29
N CYS A 121 5.03 10.52 14.14
CA CYS A 121 6.14 9.56 14.17
C CYS A 121 5.68 8.19 14.70
N GLU A 122 4.88 8.18 15.75
CA GLU A 122 4.48 6.91 16.37
C GLU A 122 3.70 5.99 15.43
N GLU A 123 2.66 6.52 14.79
CA GLU A 123 1.82 5.72 13.86
C GLU A 123 2.59 5.24 12.65
N TRP A 124 3.42 6.12 12.10
CA TRP A 124 4.29 5.79 10.99
C TRP A 124 5.11 4.56 11.35
N TRP A 125 5.71 4.61 12.54
CA TRP A 125 6.51 3.50 13.04
C TRP A 125 5.70 2.24 13.23
N GLU A 126 4.57 2.36 13.90
CA GLU A 126 3.67 1.22 14.12
C GLU A 126 3.31 0.55 12.79
N ASP A 127 2.88 1.35 11.82
CA ASP A 127 2.45 0.80 10.52
C ASP A 127 3.58 0.28 9.65
N CYS A 128 4.83 0.61 9.98
CA CYS A 128 5.99 0.09 9.23
C CYS A 128 6.76 -1.03 9.92
N ARG A 129 6.37 -1.46 11.12
CA ARG A 129 7.16 -2.45 11.87
C ARG A 129 7.51 -3.72 11.10
N MET A 130 6.54 -4.29 10.41
CA MET A 130 6.76 -5.55 9.73
C MET A 130 7.17 -5.41 8.27
N SER A 131 7.36 -4.18 7.80
CA SER A 131 8.07 -3.98 6.54
C SER A 131 9.57 -4.19 6.78
N TYR A 132 10.32 -4.31 5.69
CA TYR A 132 11.75 -4.60 5.75
C TYR A 132 12.59 -3.51 5.09
N THR A 133 13.72 -3.18 5.71
CA THR A 133 14.77 -2.38 5.10
C THR A 133 16.12 -3.01 5.43
N CYS A 134 17.18 -2.45 4.85
CA CYS A 134 18.53 -2.99 5.07
C CYS A 134 19.49 -1.98 5.71
N LYS A 135 19.03 -0.75 5.93
CA LYS A 135 19.87 0.30 6.48
C LYS A 135 19.09 1.14 7.43
N SER A 136 19.80 1.74 8.37
CA SER A 136 19.24 2.70 9.30
C SER A 136 19.40 4.12 8.79
N ASN A 137 20.46 4.38 8.03
CA ASN A 137 20.74 5.73 7.60
C ASN A 137 20.60 5.84 6.12
N TRP A 138 19.37 6.16 5.71
CA TRP A 138 18.99 6.22 4.30
C TRP A 138 19.62 7.35 3.51
N ARG A 139 20.13 8.39 4.19
CA ARG A 139 20.67 9.55 3.48
C ARG A 139 21.77 9.23 2.46
N GLY A 140 22.48 8.10 2.62
CA GLY A 140 23.51 7.72 1.68
C GLY A 140 24.02 6.31 1.97
N GLY A 141 24.98 5.84 1.19
CA GLY A 141 25.54 4.50 1.35
C GLY A 141 24.72 3.38 0.70
N TRP A 142 24.03 3.71 -0.39
CA TRP A 142 23.30 2.74 -1.19
C TRP A 142 24.15 2.31 -2.36
N ASP A 143 23.86 1.14 -2.89
CA ASP A 143 24.40 0.69 -4.17
C ASP A 143 23.47 1.28 -5.24
N TRP A 144 24.00 2.15 -6.08
CA TRP A 144 23.21 2.97 -6.99
C TRP A 144 23.31 2.64 -8.46
N SER A 145 23.85 1.46 -8.79
CA SER A 145 24.27 1.15 -10.16
C SER A 145 23.13 1.05 -11.17
N GLN A 146 21.97 0.56 -10.77
CA GLN A 146 20.85 0.35 -11.69
C GLN A 146 20.04 1.59 -12.04
N GLY A 147 20.31 2.71 -11.38
CA GLY A 147 19.53 3.93 -11.53
C GLY A 147 18.59 4.09 -10.38
N LYS A 148 18.31 2.99 -9.68
CA LYS A 148 17.61 3.02 -8.41
C LYS A 148 18.56 2.38 -7.43
N ASN A 149 18.42 2.79 -6.19
CA ASN A 149 19.21 2.26 -5.09
C ASN A 149 18.93 0.79 -4.80
N ARG A 150 19.99 0.04 -4.50
CA ARG A 150 19.90 -1.32 -3.98
C ARG A 150 20.64 -1.41 -2.68
N CYS A 151 20.23 -2.37 -1.86
CA CYS A 151 20.94 -2.65 -0.63
C CYS A 151 22.45 -2.92 -0.92
N PRO A 152 23.36 -2.29 -0.13
CA PRO A 152 24.77 -2.57 -0.36
C PRO A 152 25.20 -3.98 0.07
N LYS A 153 26.44 -4.31 -0.26
CA LYS A 153 26.96 -5.63 0.04
C LYS A 153 26.90 -5.91 1.53
N GLY A 154 26.32 -7.04 1.88
CA GLY A 154 26.23 -7.47 3.26
C GLY A 154 25.27 -6.75 4.18
N ALA A 155 24.46 -5.84 3.65
CA ALA A 155 23.41 -5.20 4.44
C ALA A 155 22.19 -6.12 4.44
N GLN A 156 21.86 -6.71 5.58
CA GLN A 156 20.74 -7.67 5.72
C GLN A 156 19.39 -6.98 5.70
N CYS A 157 18.46 -7.52 4.92
CA CYS A 157 17.06 -7.07 5.02
C CYS A 157 16.44 -7.62 6.30
N LEU A 158 15.91 -6.73 7.11
CA LEU A 158 15.35 -7.09 8.41
C LEU A 158 14.19 -6.15 8.68
N PRO A 159 13.39 -6.44 9.71
CA PRO A 159 12.27 -5.54 9.90
C PRO A 159 12.70 -4.09 10.22
N PHE A 160 11.87 -3.14 9.84
CA PHE A 160 12.00 -1.74 10.25
C PHE A 160 12.21 -1.61 11.74
N SER A 161 11.52 -2.40 12.57
CA SER A 161 11.77 -2.36 14.04
C SER A 161 13.24 -2.63 14.40
N HIS A 162 13.94 -3.42 13.59
CA HIS A 162 15.36 -3.64 13.79
C HIS A 162 16.18 -2.39 13.48
N TYR A 163 16.03 -1.85 12.27
CA TYR A 163 16.83 -0.67 11.87
C TYR A 163 16.39 0.65 12.49
N PHE A 164 15.11 0.75 12.86
CA PHE A 164 14.59 1.94 13.50
C PHE A 164 13.98 1.54 14.84
N PRO A 165 14.83 1.38 15.87
CA PRO A 165 14.29 0.85 17.13
C PRO A 165 13.17 1.73 17.71
N THR A 166 13.22 3.02 17.47
CA THR A 166 12.18 3.90 17.96
C THR A 166 11.57 4.70 16.80
N PRO A 167 10.31 5.15 17.00
CA PRO A 167 9.70 6.07 16.04
C PRO A 167 10.62 7.24 15.66
N ALA A 168 11.30 7.82 16.65
CA ALA A 168 12.26 8.91 16.42
C ALA A 168 13.32 8.57 15.39
N ASP A 169 13.85 7.37 15.44
CA ASP A 169 14.85 6.93 14.45
C ASP A 169 14.26 6.93 13.03
N LEU A 170 13.03 6.45 12.93
CA LEU A 170 12.33 6.36 11.65
C LEU A 170 12.15 7.75 11.04
N CYS A 171 11.46 8.64 11.75
CA CYS A 171 11.26 10.01 11.29
C CYS A 171 12.51 10.74 10.83
N GLU A 172 13.59 10.57 11.58
CA GLU A 172 14.76 11.41 11.39
C GLU A 172 15.65 10.89 10.31
N LYS A 173 15.86 9.58 10.29
CA LYS A 173 16.83 9.01 9.38
C LYS A 173 16.28 8.72 7.99
N THR A 174 14.97 8.49 7.83
CA THR A 174 14.45 8.17 6.50
C THR A 174 14.56 9.33 5.52
N TRP A 175 14.55 10.57 6.03
CA TRP A 175 14.56 11.77 5.19
C TRP A 175 15.80 12.68 5.45
N SER A 176 16.94 12.07 5.80
CA SER A 176 18.20 12.78 5.89
C SER A 176 18.13 14.02 6.79
N ASN A 177 17.49 13.88 7.95
CA ASN A 177 17.33 14.92 8.94
C ASN A 177 16.45 16.10 8.52
N SER A 178 15.56 15.88 7.56
CA SER A 178 14.54 16.85 7.22
C SER A 178 13.59 17.01 8.37
N PHE A 179 13.28 15.90 9.03
CA PHE A 179 12.37 15.92 10.16
C PHE A 179 13.08 15.58 11.46
N LYS A 180 12.48 16.01 12.56
CA LYS A 180 12.95 15.81 13.93
C LYS A 180 11.75 15.30 14.65
N ALA A 181 11.85 14.19 15.35
CA ALA A 181 10.72 13.73 16.16
C ALA A 181 10.62 14.62 17.37
N SER A 182 9.42 15.15 17.61
CA SER A 182 9.20 16.09 18.68
C SER A 182 8.65 15.36 19.88
N PRO A 183 9.14 15.71 21.08
CA PRO A 183 8.46 15.19 22.25
C PRO A 183 7.05 15.76 22.39
N GLU A 184 6.75 16.88 21.75
CA GLU A 184 5.41 17.47 21.83
C GLU A 184 4.39 16.63 21.06
N ARG A 185 3.16 16.60 21.57
CA ARG A 185 2.08 15.83 20.98
C ARG A 185 1.28 16.70 20.01
N ARG A 186 0.14 16.18 19.55
CA ARG A 186 -0.66 16.80 18.51
C ARG A 186 -1.57 17.85 19.09
N ASN A 187 -1.75 18.93 18.35
CA ASN A 187 -2.56 20.08 18.78
C ASN A 187 -1.93 20.87 19.93
N SER A 188 -0.65 20.63 20.20
CA SER A 188 0.07 21.36 21.21
C SER A 188 0.50 22.75 20.70
N GLY A 189 0.34 23.00 19.41
CA GLY A 189 0.79 24.24 18.80
C GLY A 189 2.30 24.33 18.64
N ARG A 190 3.02 23.28 19.06
CA ARG A 190 4.49 23.30 19.05
C ARG A 190 5.15 22.29 18.10
N CYS A 191 4.36 21.60 17.29
CA CYS A 191 4.91 20.63 16.34
C CYS A 191 4.02 20.54 15.13
N LEU A 192 4.56 20.01 14.04
CA LEU A 192 3.82 19.88 12.80
C LEU A 192 3.39 18.46 12.50
N GLN A 193 2.23 18.36 11.87
CA GLN A 193 1.73 17.11 11.38
C GLN A 193 2.12 16.93 9.92
N LYS A 194 2.60 15.75 9.56
CA LYS A 194 2.94 15.46 8.14
C LYS A 194 1.71 15.19 7.29
N TRP A 195 0.57 14.93 7.92
CA TRP A 195 -0.71 14.78 7.24
C TRP A 195 -1.83 15.16 8.22
N PHE A 196 -2.93 15.63 7.66
CA PHE A 196 -4.12 15.99 8.42
C PHE A 196 -5.34 15.85 7.55
N GLU A 197 -6.48 15.74 8.21
CA GLU A 197 -7.74 15.43 7.55
C GLU A 197 -8.20 16.71 6.83
N PRO A 198 -8.52 16.61 5.51
CA PRO A 198 -8.83 17.83 4.73
C PRO A 198 -10.01 18.65 5.29
N ALA A 199 -11.05 17.97 5.76
CA ALA A 199 -12.16 18.63 6.45
C ALA A 199 -11.73 19.63 7.53
N GLN A 200 -10.68 19.29 8.29
CA GLN A 200 -10.32 20.03 9.51
C GLN A 200 -9.53 21.31 9.33
N GLY A 201 -8.88 21.49 8.19
CA GLY A 201 -8.01 22.65 8.04
C GLY A 201 -6.65 22.42 8.68
N ASN A 202 -5.70 23.23 8.22
CA ASN A 202 -4.33 22.91 8.36
C ASN A 202 -3.82 23.35 9.73
N PRO A 203 -3.44 22.39 10.60
CA PRO A 203 -2.98 22.73 11.94
C PRO A 203 -1.57 23.31 11.99
N ASN A 204 -0.85 23.26 10.88
CA ASN A 204 0.53 23.72 10.83
C ASN A 204 0.72 25.22 10.59
N VAL A 205 -0.31 25.92 10.09
CA VAL A 205 -0.18 27.38 9.85
C VAL A 205 0.19 28.10 11.15
N ALA A 206 -0.56 27.82 12.23
CA ALA A 206 -0.33 28.47 13.52
C ALA A 206 1.03 28.14 14.09
N VAL A 207 1.51 26.93 13.83
CA VAL A 207 2.81 26.49 14.35
C VAL A 207 3.95 27.24 13.68
N ALA A 208 3.94 27.31 12.35
CA ALA A 208 4.94 28.11 11.64
C ALA A 208 4.89 29.56 12.13
N ARG A 209 3.70 30.09 12.33
CA ARG A 209 3.55 31.46 12.80
C ARG A 209 4.26 31.66 14.13
N LEU A 210 4.09 30.70 15.03
CA LEU A 210 4.72 30.73 16.33
C LEU A 210 6.25 30.79 16.28
N PHE A 211 6.88 29.90 15.52
CA PHE A 211 8.35 29.91 15.39
C PHE A 211 8.82 31.18 14.73
N ALA A 212 8.06 31.64 13.74
CA ALA A 212 8.42 32.86 13.03
C ALA A 212 8.46 34.05 13.99
N SER A 213 7.41 34.19 14.78
CA SER A 213 7.24 35.32 15.70
C SER A 213 8.27 35.33 16.83
N GLU A 214 8.68 34.14 17.27
CA GLU A 214 9.58 34.04 18.39
C GLU A 214 11.05 33.95 18.00
N PHE A 215 11.38 34.38 16.77
CA PHE A 215 12.74 34.39 16.30
C PHE A 215 13.35 33.02 16.48
N LEU A 216 12.52 32.00 16.27
CA LEU A 216 12.96 30.64 16.48
C LEU A 216 13.27 30.41 17.95
N TRP B 4 -15.91 -35.73 -2.93
CA TRP B 4 -17.32 -35.22 -2.95
C TRP B 4 -18.00 -35.09 -1.56
N GLY B 5 -19.09 -34.32 -1.53
CA GLY B 5 -19.84 -34.03 -0.31
C GLY B 5 -18.97 -33.47 0.80
N ASP B 6 -19.03 -34.12 1.97
CA ASP B 6 -18.17 -33.82 3.12
C ASP B 6 -16.68 -33.83 2.80
N GLU B 7 -16.28 -34.58 1.78
CA GLU B 7 -14.87 -34.68 1.38
C GLU B 7 -14.36 -33.39 0.74
N LEU B 8 -15.28 -32.50 0.34
CA LEU B 8 -14.92 -31.19 -0.19
C LEU B 8 -14.68 -30.13 0.88
N LEU B 9 -14.94 -30.44 2.15
CA LEU B 9 -14.70 -29.47 3.21
C LEU B 9 -13.29 -29.64 3.70
N ASN B 10 -12.66 -28.53 4.04
CA ASN B 10 -11.36 -28.62 4.62
C ASN B 10 -10.28 -29.33 3.82
N ILE B 11 -10.16 -28.92 2.58
CA ILE B 11 -9.15 -29.40 1.65
C ILE B 11 -8.48 -28.23 0.99
N CYS B 12 -7.34 -28.52 0.35
CA CYS B 12 -6.57 -27.56 -0.43
C CYS B 12 -6.51 -28.01 -1.88
N MET B 13 -6.64 -27.07 -2.81
CA MET B 13 -6.44 -27.42 -4.23
C MET B 13 -5.01 -27.88 -4.44
N ASN B 14 -4.86 -28.80 -5.38
CA ASN B 14 -3.54 -29.25 -5.80
C ASN B 14 -2.92 -28.30 -6.83
N ALA B 15 -2.51 -27.10 -6.38
CA ALA B 15 -1.74 -26.16 -7.20
C ALA B 15 -0.34 -26.03 -6.60
N LYS B 16 0.54 -25.26 -7.22
CA LYS B 16 1.94 -25.51 -6.95
C LYS B 16 2.44 -25.14 -5.58
N HIS B 17 1.85 -24.14 -4.92
CA HIS B 17 2.34 -23.76 -3.59
C HIS B 17 1.55 -24.38 -2.46
N HIS B 18 0.33 -24.85 -2.74
CA HIS B 18 -0.59 -25.19 -1.68
C HIS B 18 -0.10 -26.32 -0.81
N LYS B 19 -0.41 -26.24 0.48
CA LYS B 19 -0.13 -27.37 1.38
C LYS B 19 -1.04 -28.53 1.01
N ARG B 20 -0.61 -29.71 1.38
CA ARG B 20 -1.30 -30.94 0.99
C ARG B 20 -2.67 -30.97 1.61
N VAL B 21 -2.79 -30.51 2.85
CA VAL B 21 -4.07 -30.32 3.51
C VAL B 21 -3.99 -29.10 4.41
N PRO B 22 -5.14 -28.55 4.82
CA PRO B 22 -4.98 -27.39 5.66
C PRO B 22 -4.59 -27.79 7.06
N SER B 23 -3.88 -26.90 7.73
CA SER B 23 -3.59 -27.09 9.13
C SER B 23 -3.28 -25.76 9.78
N PRO B 24 -3.28 -25.72 11.13
CA PRO B 24 -2.94 -24.47 11.78
C PRO B 24 -1.53 -24.01 11.47
N GLU B 25 -1.33 -22.71 11.47
CA GLU B 25 0.01 -22.14 11.34
C GLU B 25 0.25 -21.21 12.51
N ASP B 26 1.34 -21.45 13.24
CA ASP B 26 1.75 -20.61 14.37
C ASP B 26 1.91 -19.16 13.92
N LYS B 27 2.47 -18.96 12.72
CA LYS B 27 2.77 -17.65 12.17
C LYS B 27 2.36 -17.52 10.69
N LEU B 28 1.51 -16.54 10.37
CA LEU B 28 1.37 -16.04 9.00
C LEU B 28 1.60 -14.54 8.94
N TYR B 29 2.08 -14.08 7.80
CA TYR B 29 2.46 -12.70 7.61
C TYR B 29 1.28 -11.80 7.25
N GLU B 30 1.19 -10.69 7.98
CA GLU B 30 0.31 -9.56 7.73
C GLU B 30 -1.11 -9.94 7.25
N GLU B 31 -1.45 -9.60 6.01
CA GLU B 31 -2.77 -9.84 5.43
C GLU B 31 -3.25 -11.28 5.44
N CYS B 32 -2.35 -12.26 5.57
CA CYS B 32 -2.77 -13.65 5.62
C CYS B 32 -3.15 -14.13 7.05
N ILE B 33 -3.00 -13.26 8.06
CA ILE B 33 -3.22 -13.67 9.45
C ILE B 33 -4.60 -14.31 9.70
N PRO B 34 -5.67 -13.81 9.03
CA PRO B 34 -6.99 -14.42 9.25
C PRO B 34 -7.03 -15.94 9.15
N TRP B 35 -6.18 -16.54 8.32
CA TRP B 35 -6.28 -17.97 8.02
C TRP B 35 -5.46 -18.86 8.96
N LYS B 36 -4.81 -18.27 9.96
CA LYS B 36 -3.80 -19.05 10.66
C LYS B 36 -4.38 -20.22 11.52
N ASP B 37 -5.62 -20.14 11.99
CA ASP B 37 -6.30 -21.31 12.61
C ASP B 37 -6.34 -22.56 11.71
N ASN B 38 -6.45 -22.36 10.40
CA ASN B 38 -6.54 -23.49 9.48
C ASN B 38 -6.25 -23.05 8.05
N ALA B 39 -5.00 -23.26 7.60
CA ALA B 39 -4.50 -22.63 6.40
C ALA B 39 -3.99 -23.62 5.39
N CYS B 40 -4.18 -23.28 4.11
CA CYS B 40 -3.57 -24.01 3.00
C CYS B 40 -2.23 -23.42 2.57
N CYS B 41 -1.80 -22.34 3.25
CA CYS B 41 -0.56 -21.62 2.92
C CYS B 41 0.42 -21.74 4.09
N THR B 42 1.70 -21.86 3.77
CA THR B 42 2.78 -21.85 4.74
C THR B 42 3.19 -20.42 5.02
N LEU B 43 4.01 -20.26 6.05
CA LEU B 43 4.53 -18.94 6.41
C LEU B 43 5.26 -18.34 5.21
N THR B 44 6.04 -19.16 4.53
CA THR B 44 6.77 -18.67 3.37
C THR B 44 5.87 -18.13 2.27
N THR B 45 4.84 -18.88 1.93
CA THR B 45 3.91 -18.40 0.91
C THR B 45 3.30 -17.07 1.37
N SER B 46 2.90 -16.99 2.65
CA SER B 46 2.26 -15.77 3.14
C SER B 46 3.16 -14.54 2.96
N TRP B 47 4.46 -14.63 3.24
CA TRP B 47 5.29 -13.42 3.02
C TRP B 47 5.59 -13.20 1.54
N GLU B 48 5.73 -14.26 0.78
CA GLU B 48 5.89 -14.11 -0.66
C GLU B 48 4.70 -13.44 -1.31
N ALA B 49 3.51 -13.62 -0.73
CA ALA B 49 2.30 -12.94 -1.21
C ALA B 49 2.37 -11.44 -1.11
N HIS B 50 3.14 -10.94 -0.15
CA HIS B 50 3.30 -9.53 0.08
C HIS B 50 4.47 -8.88 -0.62
N LEU B 51 5.30 -9.64 -1.35
CA LEU B 51 6.45 -9.03 -2.04
C LEU B 51 5.98 -8.06 -3.11
N ASP B 52 6.77 -7.03 -3.35
CA ASP B 52 6.37 -5.99 -4.32
C ASP B 52 5.94 -6.60 -5.65
N VAL B 53 6.68 -7.59 -6.14
CA VAL B 53 6.22 -8.48 -7.21
C VAL B 53 6.34 -9.90 -6.67
N SER B 54 5.20 -10.52 -6.41
CA SER B 54 5.18 -11.82 -5.75
C SER B 54 5.78 -12.88 -6.66
N PRO B 55 6.78 -13.64 -6.18
CA PRO B 55 7.30 -14.76 -6.97
C PRO B 55 6.33 -15.94 -7.06
N LEU B 56 5.20 -15.88 -6.36
CA LEU B 56 4.20 -16.90 -6.47
C LEU B 56 3.68 -17.01 -7.90
N TYR B 57 3.48 -15.88 -8.58
CA TYR B 57 3.03 -15.89 -9.98
C TYR B 57 3.90 -15.05 -10.93
N ASN B 58 4.92 -14.37 -10.42
CA ASN B 58 5.76 -13.43 -11.19
C ASN B 58 4.95 -12.37 -11.98
N PHE B 59 3.80 -11.97 -11.42
CA PHE B 59 2.91 -11.02 -12.05
C PHE B 59 2.95 -9.67 -11.31
N SER B 60 3.31 -8.60 -12.00
CA SER B 60 3.43 -7.33 -11.34
C SER B 60 2.14 -6.55 -11.44
N LEU B 61 1.62 -6.15 -10.29
CA LEU B 61 0.49 -5.22 -10.19
C LEU B 61 0.89 -3.76 -10.46
N PHE B 62 2.19 -3.46 -10.48
CA PHE B 62 2.70 -2.09 -10.74
C PHE B 62 3.03 -1.82 -12.20
N HIS B 63 2.55 -2.67 -13.11
CA HIS B 63 2.77 -2.51 -14.56
C HIS B 63 2.47 -1.11 -15.14
N CYS B 64 1.58 -0.35 -14.50
CA CYS B 64 1.34 1.06 -14.85
C CYS B 64 1.85 2.09 -13.80
N GLY B 65 2.66 1.66 -12.85
CA GLY B 65 3.33 2.59 -11.92
C GLY B 65 2.47 3.11 -10.78
N LEU B 66 1.26 3.56 -11.10
CA LEU B 66 0.38 4.18 -10.12
C LEU B 66 -0.62 3.16 -9.57
N LEU B 67 -0.31 2.62 -8.41
CA LEU B 67 -1.17 1.65 -7.76
C LEU B 67 -1.22 2.10 -6.34
N MET B 68 -2.38 2.51 -5.88
CA MET B 68 -2.52 3.05 -4.55
C MET B 68 -2.43 1.92 -3.52
N PRO B 69 -1.85 2.22 -2.34
CA PRO B 69 -1.77 1.24 -1.27
C PRO B 69 -3.07 0.55 -0.91
N GLY B 70 -4.19 1.29 -0.87
CA GLY B 70 -5.49 0.69 -0.57
C GLY B 70 -5.95 -0.31 -1.63
N CYS B 71 -5.53 -0.10 -2.88
CA CYS B 71 -5.82 -1.01 -3.95
C CYS B 71 -4.91 -2.24 -3.86
N ARG B 72 -3.62 -2.04 -3.69
CA ARG B 72 -2.71 -3.16 -3.60
C ARG B 72 -3.09 -4.04 -2.43
N LYS B 73 -3.45 -3.46 -1.30
CA LYS B 73 -3.94 -4.24 -0.19
C LYS B 73 -5.02 -5.29 -0.53
N HIS B 74 -6.03 -4.90 -1.30
CA HIS B 74 -7.07 -5.84 -1.79
C HIS B 74 -6.48 -6.99 -2.61
N PHE B 75 -5.59 -6.66 -3.52
CA PHE B 75 -4.92 -7.70 -4.34
C PHE B 75 -4.11 -8.67 -3.49
N ILE B 76 -3.41 -8.17 -2.46
CA ILE B 76 -2.67 -9.05 -1.56
C ILE B 76 -3.63 -9.96 -0.77
N GLN B 77 -4.73 -9.38 -0.31
CA GLN B 77 -5.72 -10.18 0.41
C GLN B 77 -6.28 -11.28 -0.48
N ALA B 78 -6.54 -10.96 -1.76
CA ALA B 78 -6.97 -11.98 -2.73
C ALA B 78 -5.97 -13.11 -2.87
N ILE B 79 -4.69 -12.80 -2.85
CA ILE B 79 -3.66 -13.84 -2.90
C ILE B 79 -3.73 -14.70 -1.65
N CYS B 80 -3.80 -14.09 -0.47
CA CYS B 80 -3.91 -14.87 0.76
C CYS B 80 -5.14 -15.80 0.70
N PHE B 81 -6.28 -15.25 0.28
CA PHE B 81 -7.52 -16.03 0.16
C PHE B 81 -7.30 -17.27 -0.72
N TYR B 82 -6.74 -17.01 -1.89
CA TYR B 82 -6.48 -18.07 -2.88
C TYR B 82 -5.52 -19.14 -2.36
N GLU B 83 -4.41 -18.69 -1.77
CA GLU B 83 -3.36 -19.61 -1.30
C GLU B 83 -3.68 -20.26 0.03
N CYS B 84 -4.49 -19.58 0.85
CA CYS B 84 -4.69 -19.99 2.26
C CYS B 84 -6.04 -20.59 2.62
N SER B 85 -7.12 -20.24 1.90
CA SER B 85 -8.45 -20.71 2.27
C SER B 85 -8.55 -22.24 2.26
N PRO B 86 -9.06 -22.85 3.38
CA PRO B 86 -9.42 -24.27 3.41
C PRO B 86 -10.86 -24.51 2.96
N ASN B 87 -11.52 -23.48 2.43
CA ASN B 87 -12.98 -23.49 2.17
C ASN B 87 -13.38 -23.37 0.70
N LEU B 88 -12.46 -23.69 -0.19
CA LEU B 88 -12.72 -23.55 -1.62
C LEU B 88 -13.09 -24.87 -2.29
N GLY B 89 -13.11 -25.96 -1.52
CA GLY B 89 -13.31 -27.28 -2.09
C GLY B 89 -14.46 -27.45 -3.08
N PRO B 90 -15.63 -26.90 -2.77
CA PRO B 90 -16.72 -27.02 -3.72
C PRO B 90 -16.53 -26.35 -5.06
N TRP B 91 -15.52 -25.50 -5.21
CA TRP B 91 -15.27 -24.84 -6.49
C TRP B 91 -13.97 -25.33 -7.14
N ILE B 92 -13.35 -26.35 -6.53
CA ILE B 92 -12.12 -26.88 -7.07
C ILE B 92 -12.46 -27.74 -8.30
N GLN B 93 -11.67 -27.57 -9.36
CA GLN B 93 -11.83 -28.32 -10.60
C GLN B 93 -10.45 -28.59 -11.21
N PRO B 94 -10.34 -29.62 -12.06
CA PRO B 94 -9.11 -29.84 -12.86
C PRO B 94 -8.44 -28.60 -13.56
N GLY B 108 -2.65 -30.66 -12.13
CA GLY B 108 -2.90 -29.46 -11.34
C GLY B 108 -4.38 -29.20 -11.16
N GLU B 109 -4.71 -28.45 -10.13
CA GLU B 109 -6.08 -28.03 -9.86
C GLU B 109 -6.15 -26.52 -9.78
N ARG B 110 -7.37 -26.04 -9.87
CA ARG B 110 -7.66 -24.64 -9.82
C ARG B 110 -9.05 -24.52 -9.23
N VAL B 111 -9.53 -23.30 -9.22
CA VAL B 111 -10.81 -22.96 -8.71
C VAL B 111 -11.57 -22.23 -9.83
N VAL B 112 -12.89 -22.44 -9.93
CA VAL B 112 -13.71 -21.78 -10.92
C VAL B 112 -14.96 -21.17 -10.25
N ASN B 113 -15.20 -19.88 -10.49
CA ASN B 113 -16.42 -19.18 -10.07
C ASN B 113 -16.72 -19.23 -8.56
N VAL B 114 -15.68 -19.17 -7.73
CA VAL B 114 -15.91 -19.01 -6.28
C VAL B 114 -16.73 -17.73 -6.08
N PRO B 115 -17.89 -17.82 -5.45
CA PRO B 115 -18.75 -16.64 -5.36
C PRO B 115 -18.32 -15.67 -4.27
N LEU B 116 -17.84 -14.49 -4.66
CA LEU B 116 -17.39 -13.46 -3.75
C LEU B 116 -18.50 -12.48 -3.44
N CYS B 117 -18.65 -12.13 -2.16
CA CYS B 117 -19.74 -11.28 -1.73
C CYS B 117 -19.65 -9.92 -2.37
N GLN B 118 -20.80 -9.31 -2.53
CA GLN B 118 -20.89 -8.00 -3.14
C GLN B 118 -19.95 -6.96 -2.51
N GLU B 119 -19.90 -6.87 -1.18
CA GLU B 119 -19.04 -5.89 -0.53
C GLU B 119 -17.57 -6.11 -0.85
N ASP B 120 -17.14 -7.35 -0.99
CA ASP B 120 -15.75 -7.63 -1.27
C ASP B 120 -15.35 -7.12 -2.64
N CYS B 121 -16.19 -7.31 -3.66
CA CYS B 121 -15.94 -6.80 -5.00
C CYS B 121 -16.13 -5.29 -5.09
N GLU B 122 -17.15 -4.80 -4.41
CA GLU B 122 -17.49 -3.38 -4.37
C GLU B 122 -16.34 -2.56 -3.78
N GLU B 123 -15.86 -2.95 -2.60
CA GLU B 123 -14.86 -2.16 -1.90
C GLU B 123 -13.55 -2.23 -2.65
N TRP B 124 -13.27 -3.38 -3.24
CA TRP B 124 -12.04 -3.59 -3.99
C TRP B 124 -12.04 -2.65 -5.20
N TRP B 125 -13.18 -2.61 -5.90
CA TRP B 125 -13.35 -1.69 -7.02
C TRP B 125 -13.24 -0.23 -6.57
N GLU B 126 -13.97 0.15 -5.53
CA GLU B 126 -13.97 1.54 -5.06
C GLU B 126 -12.56 2.02 -4.68
N ASP B 127 -11.85 1.18 -3.93
CA ASP B 127 -10.48 1.45 -3.49
C ASP B 127 -9.42 1.44 -4.61
N CYS B 128 -9.76 0.85 -5.77
CA CYS B 128 -8.86 0.82 -6.93
C CYS B 128 -9.18 1.83 -8.03
N ARG B 129 -10.23 2.64 -7.87
CA ARG B 129 -10.65 3.58 -8.94
C ARG B 129 -9.55 4.55 -9.38
N MET B 130 -8.81 5.09 -8.41
CA MET B 130 -7.70 6.02 -8.70
C MET B 130 -6.37 5.36 -9.06
N SER B 131 -6.30 4.03 -9.07
CA SER B 131 -5.10 3.33 -9.55
C SER B 131 -5.20 3.07 -11.05
N TYR B 132 -4.09 2.67 -11.67
CA TYR B 132 -3.98 2.57 -13.14
C TYR B 132 -3.61 1.16 -13.57
N THR B 133 -4.23 0.70 -14.68
CA THR B 133 -3.83 -0.52 -15.39
C THR B 133 -3.94 -0.26 -16.90
N CYS B 134 -3.52 -1.22 -17.70
CA CYS B 134 -3.54 -1.07 -19.17
C CYS B 134 -4.38 -2.08 -19.93
N LYS B 135 -5.04 -2.98 -19.20
CA LYS B 135 -5.80 -4.09 -19.77
C LYS B 135 -7.03 -4.37 -18.94
N SER B 136 -8.10 -4.79 -19.59
CA SER B 136 -9.29 -5.19 -18.87
C SER B 136 -9.40 -6.70 -18.68
N ASN B 137 -8.49 -7.47 -19.25
CA ASN B 137 -8.42 -8.87 -18.95
C ASN B 137 -6.98 -9.30 -18.75
N TRP B 138 -6.67 -9.60 -17.50
CA TRP B 138 -5.29 -9.86 -17.10
C TRP B 138 -4.82 -11.27 -17.37
N ARG B 139 -5.73 -12.14 -17.78
CA ARG B 139 -5.44 -13.56 -17.98
C ARG B 139 -4.39 -13.84 -19.07
N GLY B 140 -4.30 -12.96 -20.07
CA GLY B 140 -3.26 -13.11 -21.10
C GLY B 140 -3.04 -11.84 -21.89
N GLY B 141 -2.13 -11.96 -22.86
CA GLY B 141 -1.82 -10.88 -23.79
C GLY B 141 -0.88 -9.82 -23.23
N TRP B 142 -0.02 -10.21 -22.29
CA TRP B 142 1.01 -9.31 -21.78
C TRP B 142 2.26 -9.44 -22.64
N ASP B 143 3.07 -8.39 -22.63
CA ASP B 143 4.46 -8.44 -23.07
C ASP B 143 5.30 -9.05 -21.93
N TRP B 144 6.02 -10.15 -22.20
CA TRP B 144 6.73 -10.91 -21.14
C TRP B 144 8.27 -11.01 -21.26
N SER B 145 8.96 -9.93 -21.63
CA SER B 145 10.41 -10.04 -21.88
C SER B 145 11.34 -10.12 -20.63
N GLN B 146 10.98 -9.47 -19.52
CA GLN B 146 11.85 -9.46 -18.33
C GLN B 146 11.52 -10.59 -17.35
N GLY B 147 10.69 -11.55 -17.77
CA GLY B 147 10.11 -12.52 -16.85
C GLY B 147 9.08 -11.86 -15.94
N LYS B 148 8.77 -10.60 -16.22
CA LYS B 148 7.73 -9.87 -15.56
C LYS B 148 6.97 -9.28 -16.70
N ASN B 149 5.67 -9.16 -16.50
CA ASN B 149 4.77 -8.70 -17.53
C ASN B 149 4.93 -7.21 -17.68
N ARG B 150 4.80 -6.75 -18.92
CA ARG B 150 4.72 -5.34 -19.24
C ARG B 150 3.49 -5.10 -20.08
N CYS B 151 3.01 -3.87 -20.06
CA CYS B 151 1.90 -3.48 -20.89
C CYS B 151 2.32 -3.64 -22.35
N PRO B 152 1.49 -4.31 -23.19
CA PRO B 152 1.90 -4.43 -24.59
C PRO B 152 1.83 -3.10 -25.33
N LYS B 153 2.50 -3.01 -26.48
CA LYS B 153 2.49 -1.79 -27.31
C LYS B 153 1.03 -1.42 -27.64
N GLY B 154 0.71 -0.14 -27.47
CA GLY B 154 -0.65 0.37 -27.68
C GLY B 154 -1.64 0.26 -26.53
N ALA B 155 -1.30 -0.48 -25.48
CA ALA B 155 -2.16 -0.58 -24.29
C ALA B 155 -1.90 0.60 -23.36
N GLN B 156 -2.79 1.59 -23.40
CA GLN B 156 -2.69 2.81 -22.60
C GLN B 156 -2.97 2.57 -21.14
N CYS B 157 -2.14 3.13 -20.27
CA CYS B 157 -2.38 3.14 -18.84
C CYS B 157 -3.50 4.11 -18.51
N LEU B 158 -4.60 3.58 -17.98
CA LEU B 158 -5.77 4.39 -17.63
C LEU B 158 -6.32 3.97 -16.28
N PRO B 159 -7.25 4.75 -15.71
CA PRO B 159 -7.78 4.33 -14.43
C PRO B 159 -8.42 2.95 -14.46
N PHE B 160 -8.33 2.23 -13.35
CA PHE B 160 -9.02 0.96 -13.21
C PHE B 160 -10.48 1.09 -13.63
N SER B 161 -11.16 2.13 -13.16
CA SER B 161 -12.57 2.33 -13.52
C SER B 161 -12.79 2.39 -15.04
N HIS B 162 -11.76 2.72 -15.83
CA HIS B 162 -11.88 2.61 -17.30
C HIS B 162 -11.87 1.17 -17.79
N TYR B 163 -10.88 0.39 -17.40
CA TYR B 163 -10.75 -0.98 -17.90
C TYR B 163 -11.66 -1.98 -17.18
N PHE B 164 -12.09 -1.67 -15.96
CA PHE B 164 -12.99 -2.50 -15.18
C PHE B 164 -14.19 -1.64 -14.88
N PRO B 165 -15.13 -1.54 -15.83
CA PRO B 165 -16.25 -0.60 -15.63
C PRO B 165 -17.04 -0.91 -14.37
N THR B 166 -17.15 -2.19 -14.01
CA THR B 166 -17.88 -2.56 -12.79
C THR B 166 -17.06 -3.42 -11.83
N PRO B 167 -17.48 -3.47 -10.56
CA PRO B 167 -16.85 -4.38 -9.58
C PRO B 167 -16.77 -5.83 -10.06
N ALA B 168 -17.84 -6.33 -10.68
CA ALA B 168 -17.84 -7.68 -11.26
C ALA B 168 -16.71 -7.86 -12.25
N ASP B 169 -16.48 -6.86 -13.11
CA ASP B 169 -15.39 -6.97 -14.08
C ASP B 169 -14.05 -7.19 -13.38
N LEU B 170 -13.83 -6.42 -12.32
CA LEU B 170 -12.58 -6.47 -11.57
C LEU B 170 -12.40 -7.82 -10.88
N CYS B 171 -13.39 -8.26 -10.10
CA CYS B 171 -13.36 -9.57 -9.39
C CYS B 171 -13.14 -10.72 -10.34
N GLU B 172 -13.82 -10.70 -11.47
CA GLU B 172 -13.80 -11.84 -12.39
C GLU B 172 -12.60 -11.89 -13.34
N LYS B 173 -12.18 -10.74 -13.86
CA LYS B 173 -11.15 -10.72 -14.91
C LYS B 173 -9.74 -10.44 -14.43
N THR B 174 -9.52 -10.24 -13.14
CA THR B 174 -8.13 -10.13 -12.66
C THR B 174 -7.59 -11.47 -12.31
N TRP B 175 -8.48 -12.42 -12.01
CA TRP B 175 -8.07 -13.74 -11.55
C TRP B 175 -8.60 -14.87 -12.43
N SER B 176 -8.89 -14.58 -13.69
CA SER B 176 -9.18 -15.59 -14.71
C SER B 176 -10.35 -16.51 -14.34
N ASN B 177 -11.44 -15.88 -13.86
CA ASN B 177 -12.67 -16.59 -13.43
C ASN B 177 -12.49 -17.56 -12.26
N SER B 178 -11.42 -17.43 -11.47
CA SER B 178 -11.31 -18.07 -10.17
C SER B 178 -12.46 -17.60 -9.28
N PHE B 179 -12.83 -16.33 -9.42
CA PHE B 179 -13.88 -15.72 -8.63
C PHE B 179 -15.04 -15.32 -9.53
N LYS B 180 -16.23 -15.41 -8.96
CA LYS B 180 -17.46 -14.84 -9.52
C LYS B 180 -17.95 -13.74 -8.59
N ALA B 181 -18.44 -12.64 -9.15
CA ALA B 181 -19.03 -11.60 -8.35
C ALA B 181 -20.47 -11.98 -8.01
N SER B 182 -20.70 -12.42 -6.78
CA SER B 182 -22.03 -12.82 -6.35
C SER B 182 -22.93 -11.59 -6.20
N PRO B 183 -24.21 -11.74 -6.57
CA PRO B 183 -25.18 -10.71 -6.20
C PRO B 183 -25.59 -10.76 -4.69
N GLU B 184 -25.23 -11.82 -3.99
CA GLU B 184 -25.44 -11.93 -2.54
C GLU B 184 -24.42 -11.09 -1.75
N ARG B 185 -24.85 -10.65 -0.58
CA ARG B 185 -24.03 -9.79 0.30
C ARG B 185 -23.44 -10.57 1.46
N ARG B 186 -22.55 -9.92 2.17
CA ARG B 186 -21.90 -10.55 3.30
C ARG B 186 -22.96 -10.93 4.33
N ASN B 187 -22.71 -12.01 5.06
CA ASN B 187 -23.64 -12.58 6.04
C ASN B 187 -24.96 -13.13 5.44
N SER B 188 -25.04 -13.22 4.10
CA SER B 188 -26.14 -13.96 3.42
C SER B 188 -25.98 -15.48 3.57
N GLY B 189 -24.77 -15.96 3.89
CA GLY B 189 -24.47 -17.39 3.83
C GLY B 189 -24.30 -17.98 2.42
N ARG B 190 -24.40 -17.14 1.39
CA ARG B 190 -24.34 -17.57 -0.03
C ARG B 190 -23.09 -17.12 -0.79
N CYS B 191 -22.16 -16.47 -0.11
CA CYS B 191 -20.97 -15.97 -0.79
C CYS B 191 -19.81 -15.94 0.19
N LEU B 192 -18.58 -15.96 -0.35
CA LEU B 192 -17.37 -15.93 0.45
C LEU B 192 -16.79 -14.52 0.53
N GLN B 193 -16.16 -14.22 1.67
CA GLN B 193 -15.37 -13.01 1.79
C GLN B 193 -13.92 -13.37 1.44
N LYS B 194 -13.23 -12.51 0.71
CA LYS B 194 -11.81 -12.68 0.47
C LYS B 194 -10.94 -12.25 1.65
N TRP B 195 -11.52 -11.62 2.67
CA TRP B 195 -10.78 -11.28 3.86
C TRP B 195 -11.78 -11.11 4.98
N PHE B 196 -11.34 -11.36 6.20
CA PHE B 196 -12.18 -11.15 7.37
C PHE B 196 -11.31 -10.84 8.56
N GLU B 197 -11.91 -10.19 9.54
CA GLU B 197 -11.21 -9.80 10.75
C GLU B 197 -10.89 -11.07 11.58
N PRO B 198 -9.61 -11.30 11.89
CA PRO B 198 -9.14 -12.47 12.65
C PRO B 198 -9.97 -12.83 13.90
N ALA B 199 -10.26 -11.84 14.72
CA ALA B 199 -10.98 -12.09 15.98
C ALA B 199 -12.37 -12.68 15.77
N GLN B 200 -13.00 -12.45 14.61
CA GLN B 200 -14.39 -12.87 14.40
C GLN B 200 -14.57 -14.28 13.85
N GLY B 201 -13.48 -14.96 13.53
CA GLY B 201 -13.59 -16.31 13.01
C GLY B 201 -14.01 -16.32 11.55
N ASN B 202 -13.76 -17.46 10.91
CA ASN B 202 -13.90 -17.55 9.50
C ASN B 202 -15.37 -17.70 9.09
N PRO B 203 -15.94 -16.69 8.42
CA PRO B 203 -17.33 -16.80 7.99
C PRO B 203 -17.52 -17.63 6.70
N ASN B 204 -16.45 -18.11 6.08
CA ASN B 204 -16.59 -18.86 4.84
C ASN B 204 -16.83 -20.31 5.10
N VAL B 205 -16.58 -20.75 6.33
CA VAL B 205 -16.78 -22.16 6.70
C VAL B 205 -18.22 -22.60 6.38
N ALA B 206 -19.20 -21.79 6.79
CA ALA B 206 -20.62 -22.12 6.57
C ALA B 206 -21.00 -22.17 5.10
N VAL B 207 -20.31 -21.38 4.28
CA VAL B 207 -20.66 -21.24 2.87
C VAL B 207 -20.20 -22.48 2.12
N ALA B 208 -18.96 -22.91 2.37
CA ALA B 208 -18.50 -24.14 1.78
C ALA B 208 -19.39 -25.31 2.19
N ARG B 209 -19.73 -25.41 3.47
CA ARG B 209 -20.59 -26.48 3.98
C ARG B 209 -21.93 -26.50 3.24
N LEU B 210 -22.51 -25.33 3.05
CA LEU B 210 -23.76 -25.23 2.32
C LEU B 210 -23.58 -25.75 0.89
N PHE B 211 -22.56 -25.29 0.18
CA PHE B 211 -22.37 -25.72 -1.21
C PHE B 211 -21.92 -27.15 -1.35
N ALA B 212 -21.19 -27.69 -0.37
CA ALA B 212 -20.84 -29.09 -0.41
C ALA B 212 -22.10 -29.96 -0.25
N SER B 213 -23.12 -29.43 0.43
CA SER B 213 -24.37 -30.17 0.66
C SER B 213 -25.19 -30.42 -0.61
N GLU B 214 -24.99 -29.58 -1.64
CA GLU B 214 -25.73 -29.69 -2.92
C GLU B 214 -27.26 -29.45 -2.79
N PHE B 215 -27.62 -28.47 -1.96
CA PHE B 215 -28.98 -27.94 -1.86
C PHE B 215 -29.50 -27.43 -3.21
N LEU B 216 -30.82 -27.42 -3.40
CA LEU B 216 -31.42 -26.85 -4.62
C LEU B 216 -32.70 -26.11 -4.28
#